data_5C50
#
_entry.id   5C50
#
_cell.length_a   67.722
_cell.length_b   64.447
_cell.length_c   94.120
_cell.angle_alpha   90.000
_cell.angle_beta   97.540
_cell.angle_gamma   90.000
#
_symmetry.space_group_name_H-M   'C 1 2 1'
#
loop_
_entity.id
_entity.type
_entity.pdbx_description
1 polymer 'Autophagy-related protein 101'
2 polymer 'Autophagy-related protein 13'
3 non-polymer BENZAMIDINE
4 water water
#
loop_
_entity_poly.entity_id
_entity_poly.type
_entity_poly.pdbx_seq_one_letter_code
_entity_poly.pdbx_strand_id
1 'polypeptide(L)'
;MNCRSEVLEVSVEGRQVEEAMLAVLHTVLLHRSTGKFHYKKEGTYSIGTVGTQDVDCDFIDFTYVRVSSEELDRALRKVV
GEFKDALRNSGGDGLGQMSLEFYQKKKSRWPFSDECIPWEVWTVKVHVVALATEQERQICREKVGEKLCEKIINIVEVMN
RHEYLPKMPTQSEVDNVFDTGLRDVQPYLYKISFQITD
;
A
2 'polypeptide(L)'
;GAMGSDLDKFIKFFALKTVQVIVQARLGEKICTRSSSSPTGSDWFNLAIKDIPEVTHEAKKALAGQLPAVGRSMCVEISL
KTSEGDSMELEIWCLEMNEKCDKEIKVSYTVYNRLSLLLKSLLAITRVTPAYRLSRKQGHEYVILYRIYFGEVQLSGLGE
GFQTVRVGTVGTPVGTITLSCAYRINLAFMSTRQ
;
B
#
loop_
_chem_comp.id
_chem_comp.type
_chem_comp.name
_chem_comp.formula
BEN non-polymer BENZAMIDINE 'C7 H8 N2'
#
# COMPACT_ATOMS: atom_id res chain seq x y z
N MET A 1 1.21 5.48 -22.44
CA MET A 1 2.58 5.93 -22.13
C MET A 1 2.60 7.28 -21.42
N ASN A 2 1.55 8.04 -21.63
CA ASN A 2 1.51 9.42 -21.28
C ASN A 2 1.85 9.50 -19.78
N CYS A 3 2.79 10.34 -19.41
CA CYS A 3 3.21 10.51 -18.03
C CYS A 3 2.10 11.05 -17.15
N ARG A 4 1.92 10.45 -15.99
CA ARG A 4 0.91 10.88 -15.02
C ARG A 4 1.56 11.56 -13.83
N SER A 5 0.98 12.66 -13.36
CA SER A 5 1.50 13.36 -12.19
CA SER A 5 1.50 13.36 -12.20
C SER A 5 0.43 13.47 -11.11
N GLU A 6 0.87 13.44 -9.86
CA GLU A 6 -0.03 13.56 -8.74
C GLU A 6 0.62 14.52 -7.76
N VAL A 7 -0.21 15.33 -7.09
CA VAL A 7 0.29 16.29 -6.12
C VAL A 7 -0.45 16.10 -4.80
N LEU A 8 0.33 16.07 -3.72
CA LEU A 8 -0.19 15.99 -2.36
C LEU A 8 0.31 17.23 -1.61
N GLU A 9 -0.47 17.72 -0.64
CA GLU A 9 -0.08 18.87 0.16
C GLU A 9 -0.31 18.56 1.64
N VAL A 10 0.67 18.89 2.48
CA VAL A 10 0.51 18.70 3.92
C VAL A 10 1.06 19.90 4.69
N SER A 11 0.38 20.24 5.79
CA SER A 11 0.84 21.28 6.70
C SER A 11 1.26 20.63 8.00
N VAL A 12 2.49 20.90 8.42
CA VAL A 12 3.08 20.20 9.56
C VAL A 12 4.02 21.10 10.37
N GLU A 13 4.33 20.68 11.59
CA GLU A 13 5.37 21.31 12.38
C GLU A 13 6.73 20.82 11.86
N GLY A 14 7.78 21.60 12.09
CA GLY A 14 9.10 21.27 11.60
C GLY A 14 9.55 19.86 11.97
N ARG A 15 9.22 19.45 13.19
CA ARG A 15 9.68 18.16 13.70
C ARG A 15 8.95 16.98 13.06
N GLN A 16 7.90 17.26 12.29
CA GLN A 16 7.12 16.23 11.60
C GLN A 16 7.47 16.10 10.13
N VAL A 17 8.30 16.98 9.61
CA VAL A 17 8.54 17.02 8.17
C VAL A 17 9.06 15.69 7.66
N GLU A 18 10.07 15.15 8.33
CA GLU A 18 10.73 13.94 7.85
C GLU A 18 9.78 12.75 7.81
N GLU A 19 9.04 12.53 8.90
CA GLU A 19 8.13 11.38 8.96
C GLU A 19 6.99 11.51 7.95
N ALA A 20 6.48 12.73 7.75
CA ALA A 20 5.44 12.95 6.76
C ALA A 20 5.92 12.60 5.35
N MET A 21 7.11 13.05 5.00
CA MET A 21 7.67 12.75 3.67
C MET A 21 7.95 11.27 3.51
N LEU A 22 8.51 10.65 4.54
CA LEU A 22 8.85 9.23 4.46
C LEU A 22 7.60 8.37 4.31
N ALA A 23 6.53 8.73 5.01
CA ALA A 23 5.26 8.02 4.90
C ALA A 23 4.76 8.01 3.46
N VAL A 24 4.77 9.18 2.83
CA VAL A 24 4.28 9.30 1.47
C VAL A 24 5.21 8.56 0.48
N LEU A 25 6.51 8.83 0.57
CA LEU A 25 7.47 8.27 -0.36
C LEU A 25 7.49 6.75 -0.26
N HIS A 26 7.47 6.22 0.96
CA HIS A 26 7.50 4.76 1.10
C HIS A 26 6.20 4.10 0.63
N THR A 27 5.07 4.78 0.79
CA THR A 27 3.81 4.21 0.32
C THR A 27 3.86 4.08 -1.20
N VAL A 28 4.38 5.10 -1.87
CA VAL A 28 4.47 5.05 -3.33
C VAL A 28 5.47 3.96 -3.74
N LEU A 29 6.63 3.94 -3.12
CA LEU A 29 7.66 2.94 -3.47
C LEU A 29 7.22 1.50 -3.19
N LEU A 30 6.39 1.29 -2.17
CA LEU A 30 5.79 -0.01 -1.91
C LEU A 30 5.06 -0.52 -3.15
N HIS A 31 4.35 0.37 -3.82
CA HIS A 31 3.62 0.03 -5.05
C HIS A 31 4.48 -0.04 -6.31
N ARG A 32 5.63 0.62 -6.26
CA ARG A 32 6.47 0.79 -7.44
C ARG A 32 7.78 0.06 -7.26
N SER A 33 7.67 -1.15 -6.71
CA SER A 33 8.81 -2.04 -6.59
C SER A 33 8.30 -3.46 -6.72
N THR A 34 9.23 -4.36 -7.00
CA THR A 34 8.90 -5.76 -7.08
C THR A 34 10.08 -6.56 -6.54
N GLY A 35 9.96 -7.87 -6.58
CA GLY A 35 11.06 -8.74 -6.20
C GLY A 35 12.16 -8.73 -7.25
N LYS A 36 13.36 -9.17 -6.87
CA LYS A 36 14.48 -9.16 -7.80
C LYS A 36 14.26 -10.20 -8.88
N PHE A 37 14.47 -9.81 -10.13
CA PHE A 37 14.36 -10.71 -11.27
C PHE A 37 15.62 -11.53 -11.48
N HIS A 38 15.44 -12.82 -11.73
CA HIS A 38 16.54 -13.69 -12.09
C HIS A 38 16.21 -14.40 -13.39
N TYR A 39 16.90 -14.02 -14.46
CA TYR A 39 16.62 -14.52 -15.80
C TYR A 39 17.39 -15.79 -16.12
N LYS A 40 16.75 -16.67 -16.89
CA LYS A 40 17.45 -17.79 -17.51
C LYS A 40 17.81 -17.43 -18.95
N LYS A 41 18.72 -18.18 -19.56
CA LYS A 41 19.22 -17.86 -20.89
C LYS A 41 18.10 -17.85 -21.93
N GLU A 42 17.02 -18.60 -21.67
CA GLU A 42 15.90 -18.69 -22.61
C GLU A 42 14.99 -17.45 -22.54
N GLY A 43 15.21 -16.61 -21.53
CA GLY A 43 14.44 -15.40 -21.36
C GLY A 43 13.41 -15.48 -20.24
N THR A 44 13.14 -16.69 -19.75
CA THR A 44 12.25 -16.86 -18.60
C THR A 44 12.89 -16.20 -17.39
N TYR A 45 12.07 -15.88 -16.38
CA TYR A 45 12.63 -15.34 -15.15
CA TYR A 45 12.51 -15.18 -15.19
C TYR A 45 11.80 -15.71 -13.94
N SER A 46 12.47 -15.69 -12.81
CA SER A 46 11.84 -15.93 -11.52
C SER A 46 11.93 -14.61 -10.77
N ILE A 47 11.09 -14.47 -9.76
CA ILE A 47 10.97 -13.21 -9.05
C ILE A 47 11.10 -13.47 -7.55
N GLY A 48 11.94 -12.67 -6.90
CA GLY A 48 12.10 -12.75 -5.47
C GLY A 48 10.90 -12.22 -4.70
N THR A 49 11.02 -12.29 -3.38
CA THR A 49 9.95 -11.91 -2.47
C THR A 49 10.29 -10.59 -1.79
N VAL A 50 9.32 -9.68 -1.77
CA VAL A 50 9.45 -8.40 -1.07
C VAL A 50 8.83 -8.49 0.32
N GLY A 51 9.62 -8.15 1.34
CA GLY A 51 9.10 -8.09 2.68
C GLY A 51 8.57 -6.69 2.95
N THR A 52 7.72 -6.56 3.96
CA THR A 52 7.24 -5.24 4.35
C THR A 52 7.28 -5.09 5.87
N GLN A 53 7.24 -3.84 6.30
CA GLN A 53 7.50 -3.49 7.69
C GLN A 53 6.63 -2.31 8.08
N ASP A 54 5.94 -2.44 9.22
CA ASP A 54 5.23 -1.32 9.82
C ASP A 54 6.23 -0.35 10.44
N VAL A 55 6.00 0.94 10.21
CA VAL A 55 6.82 2.00 10.80
C VAL A 55 5.94 2.96 11.59
N ASP A 56 6.12 3.01 12.91
CA ASP A 56 5.40 3.97 13.74
C ASP A 56 6.09 5.31 13.62
N CYS A 57 5.29 6.37 13.50
CA CYS A 57 5.79 7.73 13.56
C CYS A 57 5.86 8.17 15.02
N ASP A 58 6.96 8.81 15.39
CA ASP A 58 7.17 9.30 16.76
C ASP A 58 6.64 10.72 16.97
N PHE A 59 6.50 11.47 15.88
CA PHE A 59 6.07 12.85 15.95
C PHE A 59 4.70 13.09 15.32
N ILE A 60 4.09 12.01 14.83
CA ILE A 60 2.76 12.02 14.24
C ILE A 60 2.03 10.79 14.74
N ASP A 61 0.72 10.92 15.01
CA ASP A 61 -0.09 9.74 15.33
C ASP A 61 -0.45 8.96 14.06
N PHE A 62 0.50 8.16 13.58
CA PHE A 62 0.39 7.52 12.27
C PHE A 62 1.37 6.37 12.15
N THR A 63 1.01 5.41 11.30
CA THR A 63 1.85 4.23 11.01
C THR A 63 1.79 4.01 9.51
N TYR A 64 2.94 3.77 8.87
CA TYR A 64 2.96 3.47 7.44
C TYR A 64 3.66 2.15 7.21
N VAL A 65 3.42 1.57 6.04
CA VAL A 65 4.07 0.31 5.66
C VAL A 65 5.12 0.63 4.62
N ARG A 66 6.32 0.08 4.79
CA ARG A 66 7.37 0.25 3.82
C ARG A 66 7.93 -1.10 3.40
N VAL A 67 8.57 -1.13 2.25
CA VAL A 67 9.32 -2.31 1.83
C VAL A 67 10.49 -2.53 2.79
N SER A 68 10.79 -3.79 3.04
CA SER A 68 11.85 -4.17 3.95
C SER A 68 13.21 -4.17 3.24
N SER A 69 13.65 -2.97 2.89
CA SER A 69 14.96 -2.75 2.31
C SER A 69 15.70 -1.66 3.08
N GLU A 70 16.76 -2.04 3.76
CA GLU A 70 17.56 -1.08 4.52
C GLU A 70 18.20 -0.06 3.57
N GLU A 71 18.62 -0.51 2.39
CA GLU A 71 19.28 0.37 1.43
C GLU A 71 18.33 1.45 0.93
N LEU A 72 17.12 1.04 0.56
CA LEU A 72 16.14 1.99 0.09
C LEU A 72 15.78 2.98 1.19
N ASP A 73 15.52 2.46 2.39
CA ASP A 73 15.16 3.34 3.51
C ASP A 73 16.30 4.32 3.83
N ARG A 74 17.55 3.86 3.78
CA ARG A 74 18.68 4.76 4.03
C ARG A 74 18.71 5.89 3.02
N ALA A 75 18.49 5.55 1.76
CA ALA A 75 18.52 6.52 0.67
C ALA A 75 17.43 7.58 0.85
N LEU A 76 16.21 7.13 1.11
CA LEU A 76 15.11 8.07 1.32
C LEU A 76 15.34 8.95 2.55
N ARG A 77 15.80 8.35 3.64
CA ARG A 77 16.06 9.12 4.87
C ARG A 77 17.10 10.22 4.64
N LYS A 78 18.10 9.92 3.82
CA LYS A 78 19.17 10.89 3.54
C LYS A 78 18.62 12.11 2.82
N VAL A 79 17.90 11.90 1.72
CA VAL A 79 17.41 13.04 0.94
C VAL A 79 16.30 13.78 1.67
N VAL A 80 15.45 13.07 2.43
CA VAL A 80 14.39 13.73 3.19
C VAL A 80 15.00 14.62 4.27
N GLY A 81 16.08 14.14 4.89
CA GLY A 81 16.78 14.92 5.90
C GLY A 81 17.40 16.16 5.31
N GLU A 82 17.94 16.05 4.10
CA GLU A 82 18.56 17.19 3.43
C GLU A 82 17.48 18.21 3.07
N PHE A 83 16.33 17.72 2.63
CA PHE A 83 15.18 18.58 2.35
C PHE A 83 14.74 19.33 3.60
N LYS A 84 14.59 18.61 4.71
CA LYS A 84 14.17 19.23 5.97
C LYS A 84 15.14 20.34 6.38
N ASP A 85 16.45 20.06 6.27
CA ASP A 85 17.47 21.06 6.61
C ASP A 85 17.34 22.30 5.72
N ALA A 86 17.19 22.07 4.42
CA ALA A 86 17.09 23.19 3.47
C ALA A 86 15.89 24.07 3.78
N LEU A 87 14.77 23.42 4.14
CA LEU A 87 13.55 24.12 4.41
C LEU A 87 13.72 24.97 5.67
N ARG A 88 14.33 24.38 6.71
CA ARG A 88 14.56 25.09 7.97
C ARG A 88 15.49 26.29 7.81
N ASN A 89 16.47 26.14 6.93
CA ASN A 89 17.53 27.14 6.79
C ASN A 89 17.23 28.25 5.78
N SER A 90 16.20 28.04 4.97
CA SER A 90 15.95 28.92 3.83
C SER A 90 15.46 30.29 4.22
N GLY A 91 14.98 30.43 5.45
CA GLY A 91 14.60 31.74 5.96
C GLY A 91 13.37 32.34 5.32
N GLY A 92 12.61 31.49 4.63
CA GLY A 92 11.41 31.90 3.91
C GLY A 92 10.14 31.59 4.68
N ASP A 93 9.08 31.32 3.93
CA ASP A 93 7.75 31.12 4.51
C ASP A 93 7.50 29.64 4.84
N GLY A 94 8.55 28.84 4.79
CA GLY A 94 8.46 27.44 5.15
C GLY A 94 7.75 26.60 4.11
N LEU A 95 8.02 26.90 2.83
CA LEU A 95 7.34 26.24 1.72
C LEU A 95 8.36 25.51 0.83
N GLY A 96 8.14 24.21 0.62
CA GLY A 96 9.03 23.44 -0.21
C GLY A 96 8.27 22.23 -0.70
N GLN A 97 8.91 21.44 -1.56
CA GLN A 97 8.28 20.25 -2.07
C GLN A 97 9.33 19.24 -2.47
N MET A 98 8.95 17.97 -2.42
CA MET A 98 9.79 16.90 -2.91
C MET A 98 9.08 16.24 -4.07
N SER A 99 9.85 15.81 -5.06
CA SER A 99 9.30 15.08 -6.20
C SER A 99 9.98 13.73 -6.35
N LEU A 100 9.16 12.71 -6.54
CA LEU A 100 9.59 11.36 -6.83
C LEU A 100 9.14 11.01 -8.25
N GLU A 101 10.12 10.78 -9.12
CA GLU A 101 9.87 10.57 -10.55
C GLU A 101 10.29 9.17 -10.95
N PHE A 102 9.37 8.43 -11.54
CA PHE A 102 9.70 7.12 -12.13
C PHE A 102 9.90 7.29 -13.63
N TYR A 103 10.95 6.69 -14.16
CA TYR A 103 11.32 6.90 -15.54
C TYR A 103 11.90 5.61 -16.14
N GLN A 104 11.94 5.57 -17.48
CA GLN A 104 12.60 4.49 -18.21
C GLN A 104 13.73 5.06 -19.03
N LYS A 105 14.77 4.27 -19.21
CA LYS A 105 15.81 4.63 -20.16
C LYS A 105 15.31 4.37 -21.57
N LYS A 106 15.47 5.37 -22.43
CA LYS A 106 15.00 5.29 -23.79
C LYS A 106 15.52 4.04 -24.49
N LYS A 107 14.62 3.33 -25.15
CA LYS A 107 14.99 2.22 -26.01
C LYS A 107 15.27 2.76 -27.41
N SER A 108 16.14 2.09 -28.15
CA SER A 108 16.54 2.57 -29.48
C SER A 108 15.34 2.74 -30.39
N ARG A 109 14.31 1.93 -30.16
CA ARG A 109 13.10 1.93 -30.96
C ARG A 109 12.13 3.05 -30.59
N TRP A 110 12.51 3.86 -29.60
CA TRP A 110 11.65 4.95 -29.13
C TRP A 110 12.08 6.30 -29.74
N PRO A 111 11.11 7.12 -30.17
CA PRO A 111 11.44 8.38 -30.83
C PRO A 111 11.51 9.56 -29.86
N PHE A 112 12.37 9.47 -28.84
CA PHE A 112 12.53 10.55 -27.88
C PHE A 112 13.97 11.08 -27.87
N SER A 113 14.13 12.34 -27.50
CA SER A 113 15.46 12.95 -27.44
C SER A 113 16.14 12.65 -26.11
N ASP A 114 15.36 12.69 -25.03
CA ASP A 114 15.92 12.52 -23.69
C ASP A 114 16.26 11.06 -23.42
N GLU A 115 17.25 10.84 -22.57
CA GLU A 115 17.69 9.49 -22.24
C GLU A 115 16.83 8.90 -21.13
N CYS A 116 16.21 9.77 -20.34
CA CYS A 116 15.28 9.36 -19.27
C CYS A 116 13.90 9.90 -19.56
N ILE A 117 12.93 9.00 -19.74
CA ILE A 117 11.56 9.39 -20.07
C ILE A 117 10.66 9.08 -18.87
N PRO A 118 10.12 10.13 -18.23
CA PRO A 118 9.31 9.85 -17.04
C PRO A 118 7.95 9.26 -17.40
N TRP A 119 7.42 8.40 -16.54
CA TRP A 119 6.06 7.91 -16.72
C TRP A 119 5.18 8.16 -15.50
N GLU A 120 5.79 8.53 -14.37
CA GLU A 120 5.02 8.94 -13.20
C GLU A 120 5.81 9.93 -12.39
N VAL A 121 5.14 11.00 -11.95
CA VAL A 121 5.75 11.94 -11.02
C VAL A 121 4.81 12.13 -9.83
N TRP A 122 5.40 12.10 -8.64
CA TRP A 122 4.68 12.29 -7.40
C TRP A 122 5.30 13.47 -6.68
N THR A 123 4.50 14.50 -6.40
CA THR A 123 5.02 15.69 -5.75
C THR A 123 4.30 15.88 -4.43
N VAL A 124 5.09 16.08 -3.37
CA VAL A 124 4.56 16.32 -2.05
C VAL A 124 4.99 17.73 -1.63
N LYS A 125 4.01 18.61 -1.50
CA LYS A 125 4.23 19.99 -1.04
C LYS A 125 4.04 20.09 0.47
N VAL A 126 4.94 20.82 1.13
CA VAL A 126 4.87 20.97 2.57
C VAL A 126 4.80 22.45 2.90
N HIS A 127 4.05 22.75 3.94
CA HIS A 127 4.07 24.05 4.59
C HIS A 127 4.38 23.83 6.06
N VAL A 128 5.47 24.44 6.52
CA VAL A 128 5.88 24.28 7.92
C VAL A 128 5.28 25.40 8.76
N VAL A 129 4.60 25.00 9.84
CA VAL A 129 4.02 25.94 10.79
C VAL A 129 4.67 25.76 12.15
N ALA A 130 4.77 26.85 12.90
CA ALA A 130 5.35 26.80 14.23
C ALA A 130 4.23 26.92 15.27
N LEU A 131 4.32 26.10 16.30
CA LEU A 131 3.31 26.05 17.36
C LEU A 131 3.86 26.67 18.64
N ALA A 132 2.96 27.08 19.53
CA ALA A 132 3.34 27.87 20.69
C ALA A 132 3.37 27.05 21.99
N THR A 133 2.58 25.99 22.07
CA THR A 133 2.39 25.28 23.33
C THR A 133 2.49 23.77 23.14
N GLU A 134 2.76 23.05 24.22
CA GLU A 134 2.79 21.60 24.17
C GLU A 134 1.39 21.09 23.83
N GLN A 135 0.40 21.77 24.40
CA GLN A 135 -1.02 21.53 24.10
C GLN A 135 -1.24 21.46 22.60
N GLU A 136 -0.80 22.51 21.89
CA GLU A 136 -0.91 22.60 20.44
CA GLU A 136 -1.00 22.54 20.46
C GLU A 136 -0.19 21.45 19.77
N ARG A 137 0.98 21.14 20.29
CA ARG A 137 1.84 20.12 19.69
C ARG A 137 1.15 18.77 19.73
N GLN A 138 0.54 18.45 20.87
CA GLN A 138 -0.18 17.19 21.05
C GLN A 138 -1.35 17.10 20.08
N ILE A 139 -2.10 18.18 19.93
CA ILE A 139 -3.22 18.25 18.99
C ILE A 139 -2.72 18.05 17.56
N CYS A 140 -1.60 18.68 17.25
CA CYS A 140 -1.01 18.62 15.92
C CYS A 140 -0.60 17.18 15.57
N ARG A 141 -0.10 16.44 16.56
CA ARG A 141 0.28 15.03 16.33
C ARG A 141 -0.91 14.22 15.85
N GLU A 142 -2.06 14.49 16.45
CA GLU A 142 -3.30 13.80 16.13
C GLU A 142 -3.83 14.24 14.77
N LYS A 143 -3.89 15.54 14.54
CA LYS A 143 -4.48 16.08 13.32
C LYS A 143 -3.66 15.78 12.07
N VAL A 144 -2.34 15.86 12.19
CA VAL A 144 -1.48 15.54 11.04
C VAL A 144 -1.63 14.05 10.73
N GLY A 145 -1.83 13.24 11.76
CA GLY A 145 -2.03 11.82 11.56
C GLY A 145 -3.27 11.58 10.71
N GLU A 146 -4.35 12.26 11.04
CA GLU A 146 -5.60 12.14 10.32
C GLU A 146 -5.45 12.58 8.87
N LYS A 147 -4.70 13.66 8.65
CA LYS A 147 -4.44 14.12 7.29
C LYS A 147 -3.61 13.11 6.49
N LEU A 148 -2.60 12.50 7.11
CA LEU A 148 -1.81 11.49 6.41
C LEU A 148 -2.65 10.26 6.06
N CYS A 149 -3.60 9.91 6.92
CA CYS A 149 -4.50 8.82 6.57
C CYS A 149 -5.20 9.17 5.25
N GLU A 150 -5.70 10.41 5.16
CA GLU A 150 -6.34 10.87 3.93
C GLU A 150 -5.38 10.82 2.75
N LYS A 151 -4.13 11.25 2.95
CA LYS A 151 -3.14 11.24 1.86
C LYS A 151 -2.85 9.82 1.35
N ILE A 152 -2.68 8.86 2.24
CA ILE A 152 -2.39 7.49 1.82
C ILE A 152 -3.59 6.90 1.07
N ILE A 153 -4.80 7.17 1.54
CA ILE A 153 -5.99 6.74 0.84
C ILE A 153 -6.00 7.32 -0.58
N ASN A 154 -5.64 8.60 -0.69
CA ASN A 154 -5.59 9.26 -1.98
C ASN A 154 -4.55 8.64 -2.89
N ILE A 155 -3.38 8.28 -2.35
CA ILE A 155 -2.34 7.62 -3.12
C ILE A 155 -2.85 6.31 -3.70
N VAL A 156 -3.48 5.49 -2.86
CA VAL A 156 -3.99 4.22 -3.29
C VAL A 156 -5.07 4.40 -4.35
N GLU A 157 -5.93 5.39 -4.15
CA GLU A 157 -7.02 5.61 -5.10
C GLU A 157 -6.47 6.04 -6.46
N VAL A 158 -5.48 6.92 -6.47
CA VAL A 158 -4.93 7.35 -7.75
C VAL A 158 -4.12 6.23 -8.39
N MET A 159 -3.46 5.40 -7.59
CA MET A 159 -2.76 4.22 -8.10
C MET A 159 -3.66 3.36 -8.97
N ASN A 160 -4.87 3.10 -8.49
CA ASN A 160 -5.82 2.26 -9.21
C ASN A 160 -6.25 2.90 -10.53
N ARG A 161 -6.16 4.23 -10.60
CA ARG A 161 -6.57 4.96 -11.79
C ARG A 161 -5.46 5.06 -12.83
N HIS A 162 -4.22 4.85 -12.41
CA HIS A 162 -3.09 4.82 -13.32
C HIS A 162 -3.01 3.45 -14.00
N GLU A 163 -3.32 3.41 -15.28
CA GLU A 163 -3.40 2.13 -15.99
C GLU A 163 -2.02 1.64 -16.45
N TYR A 164 -1.12 2.57 -16.73
CA TYR A 164 0.15 2.22 -17.34
C TYR A 164 1.21 1.73 -16.35
N LEU A 165 1.88 0.67 -16.77
CA LEU A 165 3.14 0.22 -16.18
C LEU A 165 4.07 -0.13 -17.35
N PRO A 166 5.37 0.08 -17.19
CA PRO A 166 6.30 -0.37 -18.22
C PRO A 166 6.11 -1.84 -18.58
N LYS A 167 6.34 -2.14 -19.86
CA LYS A 167 6.37 -3.51 -20.37
C LYS A 167 7.41 -4.28 -19.58
N MET A 168 7.12 -5.54 -19.25
CA MET A 168 8.09 -6.30 -18.50
C MET A 168 9.31 -6.54 -19.39
N PRO A 169 10.51 -6.19 -18.90
CA PRO A 169 11.71 -6.21 -19.74
C PRO A 169 12.32 -7.59 -19.97
N THR A 170 13.00 -7.75 -21.10
CA THR A 170 13.83 -8.93 -21.32
CA THR A 170 13.85 -8.91 -21.34
C THR A 170 15.11 -8.75 -20.52
N GLN A 171 15.94 -9.79 -20.46
CA GLN A 171 17.14 -9.70 -19.64
C GLN A 171 18.04 -8.53 -20.06
N SER A 172 18.13 -8.30 -21.37
CA SER A 172 19.02 -7.28 -21.90
CA SER A 172 19.02 -7.28 -21.90
C SER A 172 18.55 -5.86 -21.56
N GLU A 173 17.27 -5.70 -21.22
CA GLU A 173 16.71 -4.37 -21.00
C GLU A 173 16.16 -4.12 -19.58
N VAL A 174 16.48 -5.00 -18.64
CA VAL A 174 15.95 -4.87 -17.29
C VAL A 174 16.41 -3.56 -16.64
N ASP A 175 17.64 -3.15 -16.95
CA ASP A 175 18.18 -1.93 -16.35
C ASP A 175 17.66 -0.66 -17.03
N ASN A 176 16.84 -0.82 -18.07
CA ASN A 176 16.14 0.32 -18.65
C ASN A 176 14.83 0.65 -17.93
N VAL A 177 14.40 -0.26 -17.06
CA VAL A 177 13.10 -0.17 -16.38
C VAL A 177 13.22 -0.17 -14.85
N PHE A 178 14.15 -0.97 -14.33
CA PHE A 178 14.31 -1.18 -12.90
C PHE A 178 15.68 -0.77 -12.37
N ASP A 179 15.69 -0.36 -11.10
CA ASP A 179 16.91 -0.18 -10.33
C ASP A 179 17.33 -1.56 -9.82
N THR A 180 18.35 -2.14 -10.43
CA THR A 180 18.79 -3.49 -10.10
C THR A 180 19.92 -3.48 -9.06
N GLY A 181 20.16 -2.33 -8.44
CA GLY A 181 21.34 -2.16 -7.62
C GLY A 181 21.19 -2.51 -6.15
N LEU A 182 19.97 -2.85 -5.72
CA LEU A 182 19.72 -3.17 -4.31
C LEU A 182 19.70 -4.69 -4.09
N ARG A 183 19.94 -5.12 -2.85
CA ARG A 183 20.01 -6.53 -2.51
C ARG A 183 18.64 -7.20 -2.41
N ASP A 184 17.68 -6.49 -1.83
CA ASP A 184 16.43 -7.06 -1.34
C ASP A 184 15.28 -6.89 -2.32
N VAL A 185 15.20 -5.68 -2.87
CA VAL A 185 14.04 -5.21 -3.59
C VAL A 185 14.49 -4.63 -4.93
N GLN A 186 13.54 -4.50 -5.85
CA GLN A 186 13.80 -4.02 -7.19
C GLN A 186 12.82 -2.91 -7.54
N PRO A 187 13.17 -1.65 -7.21
CA PRO A 187 12.27 -0.55 -7.55
C PRO A 187 12.26 -0.26 -9.04
N TYR A 188 11.17 0.28 -9.54
CA TYR A 188 11.25 0.97 -10.82
C TYR A 188 12.32 2.07 -10.68
N LEU A 189 13.04 2.34 -11.77
CA LEU A 189 14.00 3.43 -11.80
C LEU A 189 13.35 4.72 -11.33
N TYR A 190 14.00 5.41 -10.41
CA TYR A 190 13.41 6.62 -9.89
C TYR A 190 14.47 7.64 -9.53
N LYS A 191 14.06 8.90 -9.49
CA LYS A 191 14.89 9.99 -8.97
C LYS A 191 14.06 10.83 -8.00
N ILE A 192 14.73 11.32 -6.96
CA ILE A 192 14.10 12.17 -5.97
C ILE A 192 14.81 13.50 -6.00
N SER A 193 14.02 14.57 -5.97
CA SER A 193 14.58 15.92 -5.95
C SER A 193 13.72 16.78 -5.06
N PHE A 194 14.21 17.96 -4.72
CA PHE A 194 13.35 18.87 -3.97
C PHE A 194 13.56 20.30 -4.39
N GLN A 195 12.57 21.13 -4.05
CA GLN A 195 12.61 22.57 -4.30
C GLN A 195 12.20 23.32 -3.04
N ILE A 196 12.73 24.53 -2.88
CA ILE A 196 12.35 25.43 -1.81
C ILE A 196 11.79 26.66 -2.50
N THR A 197 10.48 26.85 -2.38
CA THR A 197 9.76 27.81 -3.22
C THR A 197 9.58 29.16 -2.55
N ASP A 198 9.46 29.15 -1.22
CA ASP A 198 9.45 30.38 -0.42
C ASP A 198 9.93 30.07 0.99
N SER B 5 -7.14 -24.55 -13.92
CA SER B 5 -7.06 -23.10 -14.26
C SER B 5 -6.12 -22.36 -13.31
N ASP B 6 -4.99 -21.92 -13.85
CA ASP B 6 -4.04 -21.16 -13.07
C ASP B 6 -4.72 -19.91 -12.48
N LEU B 7 -5.68 -19.35 -13.20
CA LEU B 7 -6.38 -18.13 -12.71
C LEU B 7 -7.23 -18.37 -11.46
N ASP B 8 -8.02 -19.44 -11.45
CA ASP B 8 -8.81 -19.80 -10.27
C ASP B 8 -7.89 -19.95 -9.06
N LYS B 9 -6.70 -20.45 -9.31
CA LYS B 9 -5.70 -20.62 -8.27
C LYS B 9 -5.26 -19.24 -7.75
N PHE B 10 -4.99 -18.32 -8.67
CA PHE B 10 -4.59 -16.97 -8.30
C PHE B 10 -5.64 -16.31 -7.41
N ILE B 11 -6.91 -16.43 -7.80
CA ILE B 11 -7.97 -15.75 -7.08
C ILE B 11 -8.17 -16.35 -5.69
N LYS B 12 -8.07 -17.68 -5.60
CA LYS B 12 -8.15 -18.36 -4.30
C LYS B 12 -7.09 -17.84 -3.33
N PHE B 13 -5.84 -17.84 -3.76
CA PHE B 13 -4.77 -17.44 -2.84
C PHE B 13 -4.78 -15.95 -2.60
N PHE B 14 -5.29 -15.18 -3.56
CA PHE B 14 -5.46 -13.74 -3.30
C PHE B 14 -6.46 -13.53 -2.17
N ALA B 15 -7.56 -14.28 -2.19
CA ALA B 15 -8.56 -14.23 -1.14
C ALA B 15 -7.97 -14.64 0.22
N LEU B 16 -7.22 -15.73 0.22
CA LEU B 16 -6.62 -16.22 1.46
C LEU B 16 -5.64 -15.19 2.02
N LYS B 17 -4.81 -14.60 1.17
CA LYS B 17 -3.83 -13.63 1.63
C LYS B 17 -4.48 -12.32 2.06
N THR B 18 -5.57 -11.94 1.39
CA THR B 18 -6.35 -10.78 1.81
C THR B 18 -6.79 -10.91 3.27
N VAL B 19 -7.31 -12.08 3.65
CA VAL B 19 -7.75 -12.30 5.03
C VAL B 19 -6.55 -12.22 5.97
N GLN B 20 -5.43 -12.87 5.62
CA GLN B 20 -4.21 -12.78 6.42
C GLN B 20 -3.76 -11.34 6.68
N VAL B 21 -3.72 -10.51 5.64
CA VAL B 21 -3.24 -9.13 5.81
C VAL B 21 -4.17 -8.36 6.75
N ILE B 22 -5.48 -8.50 6.56
CA ILE B 22 -6.44 -7.76 7.40
C ILE B 22 -6.35 -8.21 8.86
N VAL B 23 -6.40 -9.52 9.09
CA VAL B 23 -6.34 -10.02 10.47
C VAL B 23 -5.01 -9.65 11.13
N GLN B 24 -3.89 -9.76 10.39
CA GLN B 24 -2.60 -9.42 10.96
C GLN B 24 -2.47 -7.92 11.29
N ALA B 25 -3.19 -7.09 10.54
CA ALA B 25 -3.24 -5.64 10.78
C ALA B 25 -4.05 -5.27 12.01
N ARG B 26 -4.65 -6.27 12.66
CA ARG B 26 -5.55 -6.01 13.78
C ARG B 26 -5.13 -6.78 15.03
N LEU B 27 -3.94 -7.39 14.96
CA LEU B 27 -3.40 -8.20 16.05
C LEU B 27 -2.93 -7.42 17.29
N GLY B 28 -2.57 -6.16 17.09
CA GLY B 28 -2.05 -5.34 18.16
C GLY B 28 -0.53 -5.31 18.21
N GLU B 29 0.11 -5.90 17.20
CA GLU B 29 1.57 -6.01 17.12
C GLU B 29 2.01 -5.55 15.74
N LYS B 30 3.10 -4.81 15.68
CA LYS B 30 3.66 -4.43 14.38
C LYS B 30 4.10 -5.66 13.61
N ILE B 31 3.90 -5.61 12.31
CA ILE B 31 4.25 -6.70 11.40
C ILE B 31 5.53 -6.35 10.65
N CYS B 32 6.41 -7.34 10.55
CA CYS B 32 7.68 -7.18 9.86
C CYS B 32 8.06 -8.49 9.17
N THR B 33 8.19 -8.45 7.85
CA THR B 33 8.70 -9.60 7.11
C THR B 33 9.93 -9.24 6.27
N ARG B 34 10.73 -10.25 5.97
CA ARG B 34 12.00 -10.06 5.28
C ARG B 34 11.84 -10.30 3.77
N SER B 35 12.62 -9.56 2.98
CA SER B 35 12.72 -9.80 1.54
C SER B 35 13.70 -10.92 1.28
N SER B 36 13.56 -11.56 0.12
CA SER B 36 14.57 -12.51 -0.33
C SER B 36 14.74 -12.37 -1.84
N SER B 37 15.99 -12.20 -2.27
CA SER B 37 16.32 -12.12 -3.69
C SER B 37 15.93 -13.42 -4.36
N SER B 38 16.12 -14.52 -3.64
CA SER B 38 15.70 -15.84 -4.12
C SER B 38 14.21 -16.03 -3.85
N PRO B 39 13.48 -16.68 -4.78
CA PRO B 39 12.06 -16.94 -4.55
C PRO B 39 11.82 -17.83 -3.33
N THR B 40 11.06 -17.33 -2.35
CA THR B 40 10.74 -18.13 -1.17
C THR B 40 9.66 -19.14 -1.52
N GLY B 41 9.78 -20.33 -0.94
CA GLY B 41 8.78 -21.36 -1.10
C GLY B 41 7.44 -20.89 -0.57
N SER B 42 6.38 -21.19 -1.33
CA SER B 42 5.00 -20.92 -0.95
C SER B 42 4.72 -19.54 -0.33
N ASP B 43 5.46 -18.52 -0.76
CA ASP B 43 4.96 -17.15 -0.69
C ASP B 43 4.31 -16.84 -2.04
N TRP B 44 3.21 -16.11 -1.98
CA TRP B 44 2.45 -15.74 -3.17
C TRP B 44 2.54 -14.25 -3.46
N PHE B 45 2.42 -13.94 -4.76
CA PHE B 45 2.38 -12.57 -5.25
C PHE B 45 3.66 -11.78 -4.93
N ASN B 46 4.76 -12.49 -4.76
CA ASN B 46 6.06 -11.88 -4.51
C ASN B 46 6.05 -10.94 -3.31
N LEU B 47 5.22 -11.30 -2.34
CA LEU B 47 5.10 -10.62 -1.06
C LEU B 47 5.29 -11.61 0.07
N ALA B 48 6.07 -11.24 1.06
CA ALA B 48 6.22 -12.06 2.26
C ALA B 48 5.03 -11.78 3.17
N ILE B 49 4.10 -12.72 3.18
CA ILE B 49 2.92 -12.67 4.02
C ILE B 49 2.82 -14.03 4.67
N LYS B 50 3.15 -14.09 5.96
CA LYS B 50 3.13 -15.35 6.68
C LYS B 50 1.69 -15.75 6.92
N ASP B 51 1.43 -17.05 7.01
CA ASP B 51 0.09 -17.53 7.25
C ASP B 51 -0.12 -17.93 8.71
N ILE B 52 -1.09 -17.29 9.36
CA ILE B 52 -1.57 -17.77 10.64
C ILE B 52 -2.47 -18.96 10.36
N PRO B 53 -2.11 -20.16 10.86
CA PRO B 53 -2.88 -21.38 10.54
C PRO B 53 -4.36 -21.29 10.89
N GLU B 54 -4.70 -20.69 12.03
CA GLU B 54 -6.09 -20.61 12.47
C GLU B 54 -6.90 -19.75 11.51
N VAL B 55 -6.27 -18.70 10.99
CA VAL B 55 -6.93 -17.80 10.06
C VAL B 55 -7.15 -18.49 8.71
N THR B 56 -6.14 -19.24 8.25
CA THR B 56 -6.30 -19.99 7.01
C THR B 56 -7.50 -20.92 7.14
N HIS B 57 -7.65 -21.52 8.32
CA HIS B 57 -8.73 -22.46 8.57
C HIS B 57 -10.10 -21.80 8.47
N GLU B 58 -10.26 -20.65 9.14
CA GLU B 58 -11.53 -19.94 9.12
C GLU B 58 -11.85 -19.44 7.71
N ALA B 59 -10.82 -19.02 6.99
CA ALA B 59 -10.98 -18.49 5.65
C ALA B 59 -11.43 -19.58 4.69
N LYS B 60 -10.73 -20.70 4.69
CA LYS B 60 -11.10 -21.84 3.86
C LYS B 60 -12.48 -22.37 4.24
N LYS B 61 -12.77 -22.34 5.53
CA LYS B 61 -14.05 -22.82 6.05
C LYS B 61 -15.19 -21.96 5.50
N ALA B 62 -15.01 -20.65 5.48
CA ALA B 62 -16.01 -19.73 4.95
C ALA B 62 -16.13 -19.82 3.42
N LEU B 63 -15.02 -19.94 2.72
CA LEU B 63 -15.04 -20.03 1.27
C LEU B 63 -15.71 -21.33 0.80
N ALA B 64 -15.40 -22.43 1.48
CA ALA B 64 -15.96 -23.74 1.17
C ALA B 64 -15.81 -24.10 -0.31
N GLY B 65 -14.62 -23.87 -0.86
CA GLY B 65 -14.32 -24.27 -2.21
C GLY B 65 -14.91 -23.37 -3.28
N GLN B 66 -15.48 -22.25 -2.85
CA GLN B 66 -16.08 -21.29 -3.77
C GLN B 66 -15.14 -20.11 -3.98
N LEU B 67 -15.32 -19.41 -5.09
CA LEU B 67 -14.63 -18.14 -5.35
C LEU B 67 -15.68 -17.02 -5.43
N PRO B 68 -15.27 -15.76 -5.18
CA PRO B 68 -16.24 -14.66 -5.22
C PRO B 68 -16.95 -14.53 -6.58
N ALA B 69 -18.25 -14.27 -6.52
CA ALA B 69 -19.07 -14.06 -7.70
C ALA B 69 -20.23 -13.14 -7.34
N VAL B 70 -21.08 -12.81 -8.32
CA VAL B 70 -22.21 -11.92 -8.06
C VAL B 70 -23.09 -12.49 -6.96
N GLY B 71 -23.32 -11.70 -5.92
CA GLY B 71 -24.13 -12.10 -4.80
C GLY B 71 -23.38 -12.99 -3.82
N ARG B 72 -22.13 -13.32 -4.14
CA ARG B 72 -21.30 -14.17 -3.29
C ARG B 72 -19.95 -13.50 -3.05
N SER B 73 -19.86 -12.73 -1.99
CA SER B 73 -18.64 -11.97 -1.66
C SER B 73 -18.01 -12.48 -0.38
N MET B 74 -16.69 -12.41 -0.31
CA MET B 74 -15.99 -12.73 0.93
C MET B 74 -15.88 -11.48 1.76
N CYS B 75 -16.46 -11.54 2.96
CA CYS B 75 -16.45 -10.42 3.88
C CYS B 75 -15.67 -10.76 5.14
N VAL B 76 -14.83 -9.83 5.59
CA VAL B 76 -14.15 -9.95 6.86
C VAL B 76 -14.66 -8.84 7.77
N GLU B 77 -15.32 -9.24 8.84
CA GLU B 77 -15.89 -8.32 9.81
C GLU B 77 -14.93 -8.15 10.98
N ILE B 78 -14.58 -6.90 11.28
CA ILE B 78 -13.73 -6.57 12.42
C ILE B 78 -14.62 -5.89 13.44
N SER B 79 -14.59 -6.39 14.67
CA SER B 79 -15.42 -5.84 15.73
C SER B 79 -14.61 -5.63 16.99
N LEU B 80 -15.21 -4.90 17.91
CA LEU B 80 -14.67 -4.61 19.22
C LEU B 80 -15.61 -5.22 20.25
N LYS B 81 -15.05 -5.92 21.24
CA LYS B 81 -15.84 -6.46 22.33
C LYS B 81 -15.28 -5.92 23.64
N THR B 82 -16.12 -5.26 24.43
CA THR B 82 -15.67 -4.66 25.68
C THR B 82 -15.52 -5.74 26.73
N SER B 83 -14.88 -5.38 27.84
CA SER B 83 -14.66 -6.32 28.93
C SER B 83 -15.97 -6.66 29.64
N GLU B 84 -17.00 -5.84 29.42
CA GLU B 84 -18.33 -6.11 29.97
C GLU B 84 -19.14 -7.03 29.06
N GLY B 85 -18.71 -7.19 27.81
CA GLY B 85 -19.32 -8.14 26.90
C GLY B 85 -20.01 -7.50 25.70
N ASP B 86 -20.20 -6.20 25.75
CA ASP B 86 -20.84 -5.48 24.65
C ASP B 86 -19.97 -5.53 23.40
N SER B 87 -20.59 -5.73 22.24
CA SER B 87 -19.86 -5.82 20.99
C SER B 87 -20.26 -4.69 20.03
N MET B 88 -19.31 -4.29 19.20
CA MET B 88 -19.50 -3.19 18.26
C MET B 88 -18.74 -3.50 16.96
N GLU B 89 -19.44 -3.47 15.83
CA GLU B 89 -18.80 -3.66 14.53
C GLU B 89 -18.00 -2.41 14.14
N LEU B 90 -16.76 -2.62 13.71
CA LEU B 90 -15.88 -1.52 13.34
C LEU B 90 -15.68 -1.40 11.83
N GLU B 91 -15.47 -2.54 11.17
CA GLU B 91 -15.16 -2.59 9.75
C GLU B 91 -15.77 -3.81 9.08
N ILE B 92 -16.15 -3.65 7.81
CA ILE B 92 -16.46 -4.78 6.94
C ILE B 92 -15.62 -4.66 5.68
N TRP B 93 -14.65 -5.57 5.53
CA TRP B 93 -13.86 -5.67 4.32
C TRP B 93 -14.57 -6.59 3.32
N CYS B 94 -14.72 -6.14 2.08
CA CYS B 94 -15.50 -6.87 1.09
C CYS B 94 -14.69 -7.16 -0.16
N LEU B 95 -14.54 -8.45 -0.46
CA LEU B 95 -13.92 -8.88 -1.70
C LEU B 95 -15.01 -9.38 -2.65
N GLU B 96 -15.25 -8.60 -3.70
CA GLU B 96 -16.38 -8.84 -4.62
C GLU B 96 -15.88 -9.17 -6.02
N MET B 97 -16.76 -9.76 -6.83
CA MET B 97 -16.45 -10.01 -8.24
C MET B 97 -17.66 -9.69 -9.15
N ASN B 98 -17.37 -9.10 -10.31
CA ASN B 98 -18.35 -8.85 -11.36
C ASN B 98 -18.55 -10.06 -12.28
N GLU B 99 -19.57 -9.99 -13.13
CA GLU B 99 -20.00 -11.11 -13.96
C GLU B 99 -19.90 -10.91 -15.47
N LYS B 100 -19.11 -11.76 -16.12
CA LYS B 100 -18.79 -11.61 -17.55
C LYS B 100 -18.59 -10.11 -17.73
N CYS B 101 -17.78 -9.53 -16.85
CA CYS B 101 -17.34 -8.15 -16.96
C CYS B 101 -15.83 -8.15 -16.99
N ASP B 102 -15.30 -8.61 -18.12
CA ASP B 102 -13.90 -8.98 -18.23
C ASP B 102 -13.13 -8.09 -19.21
N LYS B 103 -11.86 -8.44 -19.41
CA LYS B 103 -11.00 -7.73 -20.36
C LYS B 103 -10.17 -8.74 -21.14
N GLU B 104 -10.13 -8.58 -22.46
CA GLU B 104 -9.28 -9.42 -23.31
C GLU B 104 -7.83 -9.18 -22.91
N ILE B 105 -7.28 -10.10 -22.13
CA ILE B 105 -6.09 -9.85 -21.32
C ILE B 105 -4.80 -10.43 -21.92
N LYS B 106 -3.69 -10.19 -21.24
CA LYS B 106 -2.36 -10.58 -21.71
C LYS B 106 -1.85 -11.88 -21.09
N VAL B 107 -0.53 -12.03 -21.02
CA VAL B 107 0.13 -13.19 -20.42
C VAL B 107 -0.19 -13.29 -18.93
N SER B 108 0.03 -14.46 -18.33
CA SER B 108 -0.38 -14.71 -16.95
C SER B 108 0.26 -13.79 -15.91
N TYR B 109 1.55 -13.46 -16.02
CA TYR B 109 2.20 -12.65 -14.97
C TYR B 109 1.52 -11.29 -14.82
N THR B 110 0.82 -10.82 -15.85
CA THR B 110 0.20 -9.50 -15.79
C THR B 110 -0.90 -9.41 -14.73
N VAL B 111 -1.84 -10.34 -14.78
CA VAL B 111 -2.95 -10.35 -13.83
C VAL B 111 -2.44 -10.67 -12.41
N TYR B 112 -1.48 -11.60 -12.34
CA TYR B 112 -0.77 -11.92 -11.11
C TYR B 112 -0.19 -10.65 -10.47
N ASN B 113 0.53 -9.87 -11.27
CA ASN B 113 1.14 -8.63 -10.76
C ASN B 113 0.09 -7.61 -10.32
N ARG B 114 -1.03 -7.54 -11.02
CA ARG B 114 -2.11 -6.64 -10.61
C ARG B 114 -2.73 -7.07 -9.26
N LEU B 115 -2.89 -8.37 -9.04
CA LEU B 115 -3.32 -8.84 -7.73
C LEU B 115 -2.28 -8.50 -6.67
N SER B 116 -1.00 -8.62 -7.01
CA SER B 116 0.08 -8.24 -6.12
C SER B 116 -0.04 -6.78 -5.69
N LEU B 117 -0.31 -5.92 -6.66
CA LEU B 117 -0.43 -4.49 -6.38
C LEU B 117 -1.63 -4.23 -5.47
N LEU B 118 -2.69 -5.02 -5.65
CA LEU B 118 -3.88 -4.83 -4.81
C LEU B 118 -3.59 -5.21 -3.36
N LEU B 119 -2.79 -6.25 -3.16
CA LEU B 119 -2.41 -6.64 -1.81
C LEU B 119 -1.52 -5.55 -1.19
N LYS B 120 -0.68 -4.90 -2.01
CA LYS B 120 0.16 -3.81 -1.48
C LYS B 120 -0.71 -2.63 -1.06
N SER B 121 -1.77 -2.37 -1.83
CA SER B 121 -2.70 -1.32 -1.46
C SER B 121 -3.42 -1.68 -0.16
N LEU B 122 -3.76 -2.94 0.00
CA LEU B 122 -4.43 -3.40 1.19
C LEU B 122 -3.52 -3.25 2.40
N LEU B 123 -2.25 -3.62 2.24
CA LEU B 123 -1.28 -3.42 3.32
C LEU B 123 -1.27 -1.97 3.79
N ALA B 124 -1.20 -1.04 2.84
CA ALA B 124 -1.21 0.37 3.19
C ALA B 124 -2.51 0.82 3.87
N ILE B 125 -3.65 0.45 3.31
CA ILE B 125 -4.93 0.95 3.78
C ILE B 125 -5.30 0.40 5.15
N THR B 126 -4.90 -0.84 5.45
CA THR B 126 -5.25 -1.42 6.74
C THR B 126 -4.63 -0.66 7.91
N ARG B 127 -3.62 0.16 7.62
CA ARG B 127 -2.94 0.94 8.66
C ARG B 127 -3.53 2.34 8.84
N VAL B 128 -4.48 2.75 7.99
CA VAL B 128 -4.94 4.13 8.02
C VAL B 128 -6.45 4.30 8.23
N THR B 129 -7.15 3.21 8.51
CA THR B 129 -8.54 3.33 8.96
C THR B 129 -8.52 3.43 10.48
N PRO B 130 -9.60 3.95 11.08
CA PRO B 130 -9.61 4.15 12.53
C PRO B 130 -9.34 2.90 13.37
N ALA B 131 -9.78 1.74 12.89
CA ALA B 131 -9.60 0.50 13.64
C ALA B 131 -8.14 0.11 13.81
N TYR B 132 -7.25 0.67 12.99
CA TYR B 132 -5.85 0.31 13.13
C TYR B 132 -5.34 0.76 14.50
N ARG B 133 -5.47 2.04 14.81
CA ARG B 133 -4.93 2.51 16.08
C ARG B 133 -5.73 1.91 17.24
N LEU B 134 -7.03 1.69 17.07
CA LEU B 134 -7.80 0.99 18.11
C LEU B 134 -7.20 -0.40 18.36
N SER B 135 -6.84 -1.10 17.30
CA SER B 135 -6.32 -2.47 17.43
C SER B 135 -4.95 -2.46 18.10
N ARG B 136 -4.17 -1.41 17.88
CA ARG B 136 -2.88 -1.29 18.53
C ARG B 136 -3.00 -1.01 20.03
N LYS B 137 -4.14 -0.46 20.45
CA LYS B 137 -4.38 -0.09 21.84
C LYS B 137 -5.28 -1.08 22.58
N GLN B 138 -5.55 -2.22 21.94
CA GLN B 138 -6.46 -3.21 22.48
C GLN B 138 -5.82 -4.02 23.61
N GLY B 139 -6.67 -4.74 24.33
CA GLY B 139 -6.20 -5.78 25.23
C GLY B 139 -6.69 -5.70 26.65
N HIS B 140 -7.09 -4.50 27.10
CA HIS B 140 -7.56 -4.33 28.46
C HIS B 140 -9.08 -4.16 28.51
N GLU B 141 -9.57 -2.95 28.24
CA GLU B 141 -11.00 -2.67 28.37
C GLU B 141 -11.79 -3.18 27.14
N TYR B 142 -11.06 -3.58 26.11
CA TYR B 142 -11.65 -4.21 24.93
C TYR B 142 -10.66 -5.08 24.19
N VAL B 143 -11.18 -5.94 23.33
CA VAL B 143 -10.37 -6.75 22.42
C VAL B 143 -10.96 -6.60 21.02
N ILE B 144 -10.14 -6.89 20.01
CA ILE B 144 -10.57 -6.86 18.62
C ILE B 144 -10.80 -8.29 18.14
N LEU B 145 -11.95 -8.52 17.52
CA LEU B 145 -12.30 -9.83 17.00
C LEU B 145 -12.52 -9.79 15.49
N TYR B 146 -12.38 -10.94 14.84
CA TYR B 146 -12.67 -11.03 13.41
C TYR B 146 -13.59 -12.20 13.14
N ARG B 147 -14.32 -12.08 12.04
CA ARG B 147 -15.22 -13.12 11.58
C ARG B 147 -15.24 -13.05 10.04
N ILE B 148 -15.27 -14.22 9.41
CA ILE B 148 -15.25 -14.29 7.96
C ILE B 148 -16.52 -14.96 7.50
N TYR B 149 -17.18 -14.38 6.51
CA TYR B 149 -18.32 -15.04 5.90
C TYR B 149 -18.32 -14.82 4.41
N PHE B 150 -19.08 -15.66 3.71
CA PHE B 150 -19.13 -15.66 2.27
C PHE B 150 -20.59 -15.68 1.86
N GLY B 151 -21.03 -14.63 1.17
CA GLY B 151 -22.42 -14.47 0.80
C GLY B 151 -22.75 -13.03 0.51
N GLU B 152 -23.95 -12.60 0.91
CA GLU B 152 -24.40 -11.24 0.63
C GLU B 152 -23.77 -10.25 1.60
N VAL B 153 -23.43 -9.08 1.08
CA VAL B 153 -22.84 -8.02 1.90
C VAL B 153 -23.93 -7.33 2.71
N GLN B 154 -23.71 -7.25 4.03
CA GLN B 154 -24.59 -6.49 4.92
C GLN B 154 -23.74 -5.49 5.68
N LEU B 155 -24.05 -4.21 5.49
CA LEU B 155 -23.24 -3.13 6.05
C LEU B 155 -23.92 -2.46 7.24
N SER B 156 -24.94 -3.12 7.78
CA SER B 156 -25.54 -2.64 9.01
C SER B 156 -24.54 -2.84 10.14
N GLY B 157 -24.78 -2.18 11.27
CA GLY B 157 -23.93 -2.36 12.43
C GLY B 157 -22.77 -1.40 12.52
N LEU B 158 -22.54 -0.61 11.46
CA LEU B 158 -21.38 0.29 11.43
C LEU B 158 -21.74 1.71 11.89
N GLY B 159 -23.01 1.92 12.24
CA GLY B 159 -23.45 3.20 12.77
C GLY B 159 -23.64 4.25 11.70
N GLU B 160 -24.17 5.40 12.11
CA GLU B 160 -24.47 6.47 11.17
C GLU B 160 -23.19 7.06 10.55
N GLY B 161 -23.25 7.31 9.24
CA GLY B 161 -22.20 8.05 8.56
C GLY B 161 -20.96 7.24 8.26
N PHE B 162 -21.06 5.90 8.33
CA PHE B 162 -19.89 5.06 8.08
C PHE B 162 -19.30 5.36 6.71
N GLN B 163 -17.97 5.27 6.63
CA GLN B 163 -17.27 5.64 5.41
C GLN B 163 -16.91 4.40 4.62
N THR B 164 -16.66 4.56 3.32
CA THR B 164 -16.21 3.47 2.48
C THR B 164 -14.95 3.89 1.73
N VAL B 165 -13.96 3.00 1.70
CA VAL B 165 -12.74 3.21 0.94
C VAL B 165 -12.54 2.05 -0.03
N ARG B 166 -12.26 2.39 -1.29
CA ARG B 166 -11.98 1.38 -2.30
C ARG B 166 -10.48 1.11 -2.33
N VAL B 167 -10.09 -0.11 -1.95
CA VAL B 167 -8.69 -0.48 -1.95
C VAL B 167 -8.20 -0.62 -3.39
N GLY B 168 -9.02 -1.20 -4.25
CA GLY B 168 -8.68 -1.28 -5.66
C GLY B 168 -9.51 -2.29 -6.41
N THR B 169 -9.21 -2.43 -7.69
CA THR B 169 -9.92 -3.36 -8.56
C THR B 169 -8.95 -4.02 -9.54
N VAL B 170 -9.28 -5.25 -9.93
CA VAL B 170 -8.46 -6.00 -10.88
C VAL B 170 -9.37 -6.66 -11.90
N GLY B 171 -9.20 -6.27 -13.16
CA GLY B 171 -9.93 -6.90 -14.25
C GLY B 171 -9.30 -8.22 -14.62
N THR B 172 -10.15 -9.22 -14.89
CA THR B 172 -9.69 -10.54 -15.30
C THR B 172 -10.60 -11.05 -16.41
N PRO B 173 -10.20 -12.14 -17.09
CA PRO B 173 -11.01 -12.67 -18.19
C PRO B 173 -12.39 -13.16 -17.75
N VAL B 174 -12.61 -13.29 -16.45
CA VAL B 174 -13.87 -13.85 -15.95
C VAL B 174 -14.68 -12.84 -15.13
N GLY B 175 -14.15 -11.62 -14.97
CA GLY B 175 -14.87 -10.58 -14.26
C GLY B 175 -13.91 -9.64 -13.55
N THR B 176 -14.47 -8.60 -12.95
CA THR B 176 -13.66 -7.61 -12.23
C THR B 176 -13.74 -7.84 -10.73
N ILE B 177 -12.57 -7.92 -10.10
CA ILE B 177 -12.45 -8.08 -8.67
C ILE B 177 -12.42 -6.71 -8.02
N THR B 178 -13.14 -6.53 -6.92
CA THR B 178 -13.13 -5.26 -6.19
C THR B 178 -12.93 -5.50 -4.71
N LEU B 179 -12.04 -4.73 -4.09
CA LEU B 179 -11.76 -4.84 -2.67
C LEU B 179 -12.02 -3.49 -2.03
N SER B 180 -12.85 -3.49 -0.99
CA SER B 180 -13.22 -2.25 -0.32
C SER B 180 -13.40 -2.47 1.17
N CYS B 181 -13.44 -1.36 1.91
CA CYS B 181 -13.70 -1.39 3.34
C CYS B 181 -14.75 -0.38 3.69
N ALA B 182 -15.77 -0.83 4.43
CA ALA B 182 -16.75 0.07 5.03
C ALA B 182 -16.42 0.13 6.51
N TYR B 183 -16.27 1.34 7.05
CA TYR B 183 -15.83 1.46 8.44
C TYR B 183 -16.57 2.53 9.24
N ARG B 184 -16.84 2.17 10.49
CA ARG B 184 -17.43 3.05 11.48
C ARG B 184 -16.51 4.23 11.76
N ILE B 185 -17.09 5.42 11.90
CA ILE B 185 -16.31 6.63 12.22
C ILE B 185 -16.68 7.19 13.59
N ASN B 186 -17.82 6.76 14.12
CA ASN B 186 -18.25 7.17 15.46
C ASN B 186 -18.45 5.98 16.38
N LEU B 187 -17.62 5.90 17.42
CA LEU B 187 -17.77 4.88 18.44
C LEU B 187 -18.92 5.29 19.36
N ALA B 188 -19.92 4.41 19.49
CA ALA B 188 -21.13 4.77 20.21
C ALA B 188 -21.83 3.58 20.87
N PHE B 189 -22.35 3.82 22.07
CA PHE B 189 -23.27 2.89 22.73
C PHE B 189 -24.61 3.57 22.96
C1 BEN C . 5.30 -15.84 -13.67
C2 BEN C . 4.17 -16.26 -14.37
C3 BEN C . 2.94 -16.27 -13.75
C4 BEN C . 2.82 -15.85 -12.43
C5 BEN C . 3.95 -15.44 -11.73
C6 BEN C . 5.19 -15.43 -12.35
C BEN C . 6.66 -15.84 -14.35
N1 BEN C . 6.73 -15.88 -15.60
N2 BEN C . 7.86 -15.78 -13.54
H2 BEN C . 4.25 -16.54 -15.26
H3 BEN C . 2.18 -16.54 -14.22
H4 BEN C . 2.00 -15.86 -12.01
H5 BEN C . 3.87 -15.17 -10.84
H6 BEN C . 5.94 -15.15 -11.88
HN21 BEN C . 8.63 -15.78 -13.92
HN22 BEN C . 7.80 -15.75 -12.68
C1 BEN D . 2.13 24.25 0.31
C2 BEN D . 2.06 22.99 0.91
C3 BEN D . 1.05 22.69 1.80
C4 BEN D . 0.08 23.65 2.10
C5 BEN D . 0.14 24.89 1.50
C6 BEN D . 1.16 25.19 0.60
C BEN D . 3.25 24.56 -0.67
N1 BEN D . 3.02 25.24 -1.70
N2 BEN D . 4.61 24.06 -0.44
H2 BEN D . 2.71 22.36 0.72
H3 BEN D . 1.01 21.86 2.21
H4 BEN D . -0.60 23.45 2.70
H5 BEN D . -0.50 25.54 1.69
H6 BEN D . 1.20 26.03 0.20
HN1 BEN D . 2.19 25.54 -1.85
HN21 BEN D . 5.23 24.26 -0.99
HN22 BEN D . 4.77 23.60 0.26
C1 BEN E . 7.86 24.67 21.97
C2 BEN E . 6.63 24.66 21.31
C3 BEN E . 5.71 23.66 21.60
C4 BEN E . 6.00 22.70 22.56
C5 BEN E . 7.21 22.73 23.22
C6 BEN E . 8.14 23.72 22.93
C BEN E . 8.88 25.77 21.65
N1 BEN E . 9.37 25.85 20.50
N2 BEN E . 9.29 26.69 22.68
H2 BEN E . 6.44 25.30 20.67
H3 BEN E . 4.89 23.65 21.16
H4 BEN E . 5.38 22.05 22.76
H5 BEN E . 7.41 22.09 23.86
H6 BEN E . 8.97 23.73 23.37
HN21 BEN E . 9.86 27.31 22.51
HN22 BEN E . 8.96 26.64 23.47
C1 BEN F . 1.47 3.70 18.46
C2 BEN F . 0.54 3.67 19.49
C3 BEN F . -0.78 3.36 19.21
C4 BEN F . -1.18 3.09 17.92
C5 BEN F . -0.27 3.12 16.88
C6 BEN F . 1.06 3.43 17.15
C BEN F . 2.93 4.05 18.72
N1 BEN F . 3.57 3.47 19.64
N2 BEN F . 3.60 5.03 17.90
H2 BEN F . 0.81 3.85 20.36
H3 BEN F . -1.40 3.35 19.91
H4 BEN F . -2.07 2.88 17.74
H5 BEN F . -0.52 2.95 16.02
H6 BEN F . 1.68 3.46 16.46
HN21 BEN F . 4.42 5.23 18.03
HN22 BEN F . 3.16 5.43 17.27
C1 BEN G . 1.91 -16.62 12.72
C2 BEN G . 1.71 -15.87 13.86
C3 BEN G . 1.45 -14.51 13.76
C4 BEN G . 1.42 -13.90 12.51
C5 BEN G . 1.64 -14.65 11.37
C6 BEN G . 1.88 -16.02 11.47
C BEN G . 2.18 -18.12 12.84
N1 BEN G . 1.69 -18.78 13.79
N2 BEN G . 3.00 -18.78 11.85
H2 BEN G . 1.72 -16.26 14.71
H3 BEN G . 1.32 -14.00 14.52
H4 BEN G . 1.27 -12.99 12.44
H5 BEN G . 1.62 -14.25 10.53
H6 BEN G . 2.02 -16.52 10.71
HN21 BEN G . 3.14 -19.63 11.91
HN22 BEN G . 3.34 -18.34 11.20
#